data_8FQ9
#
_entry.id   8FQ9
#
_cell.length_a   127.225
_cell.length_b   127.225
_cell.length_c   104.042
_cell.angle_alpha   90.000
_cell.angle_beta   90.000
_cell.angle_gamma   120.000
#
_symmetry.space_group_name_H-M   'P 31 2 1'
#
loop_
_entity.id
_entity.type
_entity.pdbx_description
1 polymer 'Melibiose permease'
2 non-polymer 'PENTAETHYLENE GLYCOL'
3 non-polymer 'dodecyl 6-O-alpha-D-galactopyranosyl-beta-D-glucopyranoside'
#
_entity_poly.entity_id   1
_entity_poly.type   'polypeptide(L)'
_entity_poly.pdbx_seq_one_letter_code
;SISMTTKLSYGFGAFGKDFAIGIVYMYLMYYYTDVVGLSVGLVGTLFLVARIWCAINDPIMGWIVNATRSRWGKFKPWIL
IGTLTNSLVLFLLFSAHLFEGTAQVVFVCVTYILWGMTYTIMDIPFWSLVPTITLDKREREQLVPFPRFFASLAGFVTAG
ITLPFVSYVGGADRGFGFQMFTLVLIAFFIASTIVTLRNVHEVYSSDNGVTAGRPHLTLKTIVGLIYKNDQLSCLLGMAL
AYNIASNIINGFAIYYFTYVIGDADLFPYYLSYAGAANLLTLIVFPRLVKMLSRRILWAGASVMPVLSCAGLFAMALADI
HNAALIVAAGIFLNIGTALFWVLQVIMVADTVDYGEFKLNIRCESIAYSVQTMVVKGGSAFAAFFIALVLGLIGYTPNVA
QSAQTLQGMQFIMIVLPVLFFMMTLVLYFRYYRLNGDMLRKIQIHLLDKYRKTPPFVEQPDSPAISVVATSDVKAHHHHH
HHHHH
;
_entity_poly.pdbx_strand_id   A
#
# COMPACT_ATOMS: atom_id res chain seq x y z
N SER A 1 17.98 10.54 17.97
CA SER A 1 18.52 9.24 18.34
C SER A 1 18.64 8.33 17.12
N ILE A 2 17.75 8.53 16.15
CA ILE A 2 17.79 7.74 14.93
C ILE A 2 18.97 8.19 14.08
N SER A 3 19.86 7.26 13.76
CA SER A 3 20.96 7.56 12.86
C SER A 3 20.42 8.01 11.51
N MET A 4 20.88 9.16 11.03
CA MET A 4 20.50 9.62 9.70
C MET A 4 20.76 8.54 8.66
N THR A 5 21.87 7.82 8.83
CA THR A 5 22.16 6.69 7.95
C THR A 5 21.03 5.68 7.98
N THR A 6 20.46 5.42 9.15
CA THR A 6 19.34 4.48 9.25
C THR A 6 18.13 4.99 8.47
N LYS A 7 17.79 6.27 8.65
CA LYS A 7 16.68 6.85 7.91
C LYS A 7 16.89 6.66 6.41
N LEU A 8 18.06 7.06 5.91
CA LEU A 8 18.28 7.03 4.47
C LEU A 8 18.35 5.60 3.93
N SER A 9 18.91 4.67 4.70
CA SER A 9 18.98 3.29 4.25
C SER A 9 17.60 2.65 4.21
N TYR A 10 16.76 2.92 5.22
CA TYR A 10 15.39 2.45 5.19
C TYR A 10 14.62 3.09 4.04
N GLY A 11 14.92 4.36 3.73
CA GLY A 11 14.28 4.99 2.59
C GLY A 11 14.65 4.33 1.27
N PHE A 12 15.94 4.05 1.08
CA PHE A 12 16.35 3.34 -0.13
C PHE A 12 15.75 1.93 -0.18
N GLY A 13 15.66 1.28 0.98
CA GLY A 13 15.00 -0.02 1.04
C GLY A 13 13.57 0.06 0.56
N ALA A 14 12.82 1.07 1.02
CA ALA A 14 11.45 1.23 0.56
C ALA A 14 11.41 1.58 -0.92
N PHE A 15 12.37 2.36 -1.40
CA PHE A 15 12.43 2.65 -2.83
C PHE A 15 12.54 1.37 -3.64
N GLY A 16 13.49 0.51 -3.28
CA GLY A 16 13.63 -0.76 -3.98
C GLY A 16 12.42 -1.67 -3.79
N LYS A 17 11.77 -1.58 -2.63
CA LYS A 17 10.60 -2.41 -2.36
C LYS A 17 9.45 -2.06 -3.29
N ASP A 18 9.19 -0.76 -3.48
CA ASP A 18 8.06 -0.32 -4.29
C ASP A 18 8.39 -0.18 -5.77
N PHE A 19 9.66 0.01 -6.11
CA PHE A 19 10.09 0.11 -7.50
C PHE A 19 9.99 -1.23 -8.23
N ALA A 20 9.78 -2.33 -7.50
CA ALA A 20 9.62 -3.65 -8.09
C ALA A 20 8.16 -4.04 -8.28
N ILE A 21 7.22 -3.31 -7.68
CA ILE A 21 5.80 -3.62 -7.81
C ILE A 21 5.02 -2.55 -8.53
N GLY A 22 5.51 -1.31 -8.59
CA GLY A 22 4.81 -0.28 -9.33
C GLY A 22 4.61 -0.65 -10.78
N ILE A 23 5.63 -1.25 -11.40
CA ILE A 23 5.50 -1.67 -12.79
C ILE A 23 4.35 -2.66 -12.93
N VAL A 24 4.26 -3.61 -12.00
CA VAL A 24 3.18 -4.59 -12.03
C VAL A 24 1.85 -3.86 -11.95
N TYR A 25 1.56 -3.27 -10.79
CA TYR A 25 0.30 -2.56 -10.55
C TYR A 25 -0.09 -1.69 -11.74
N MET A 26 0.89 -1.06 -12.40
CA MET A 26 0.59 0.00 -13.35
C MET A 26 0.49 -0.49 -14.79
N TYR A 27 1.22 -1.54 -15.18
CA TYR A 27 1.28 -1.95 -16.58
C TYR A 27 1.10 -3.44 -16.79
N LEU A 28 0.72 -4.21 -15.77
CA LEU A 28 0.47 -5.63 -16.00
C LEU A 28 -0.78 -5.83 -16.85
N MET A 29 -1.79 -4.98 -16.68
CA MET A 29 -2.94 -5.01 -17.59
C MET A 29 -2.50 -4.80 -19.03
N TYR A 30 -1.73 -3.75 -19.28
CA TYR A 30 -1.30 -3.44 -20.63
C TYR A 30 -0.43 -4.57 -21.20
N TYR A 31 0.43 -5.16 -20.37
CA TYR A 31 1.24 -6.27 -20.85
C TYR A 31 0.38 -7.48 -21.19
N TYR A 32 -0.46 -7.92 -20.25
CA TYR A 32 -1.25 -9.12 -20.47
C TYR A 32 -2.21 -8.98 -21.64
N THR A 33 -2.73 -7.77 -21.89
CA THR A 33 -3.73 -7.56 -22.93
C THR A 33 -3.14 -7.13 -24.26
N ASP A 34 -2.33 -6.07 -24.26
CA ASP A 34 -1.80 -5.50 -25.49
C ASP A 34 -0.58 -6.23 -26.02
N VAL A 35 0.09 -7.02 -25.19
CA VAL A 35 1.31 -7.72 -25.59
C VAL A 35 1.11 -9.23 -25.67
N VAL A 36 0.36 -9.80 -24.73
CA VAL A 36 0.16 -11.24 -24.66
C VAL A 36 -1.13 -11.67 -25.35
N GLY A 37 -2.19 -10.87 -25.23
CA GLY A 37 -3.43 -11.17 -25.91
C GLY A 37 -4.37 -12.06 -25.09
N LEU A 38 -4.73 -11.62 -23.89
CA LEU A 38 -5.62 -12.36 -23.02
C LEU A 38 -6.89 -11.55 -22.77
N SER A 39 -7.99 -12.26 -22.57
CA SER A 39 -9.28 -11.61 -22.38
C SER A 39 -9.28 -10.75 -21.12
N VAL A 40 -9.91 -9.59 -21.21
CA VAL A 40 -9.96 -8.69 -20.06
C VAL A 40 -10.71 -9.35 -18.90
N GLY A 41 -11.74 -10.14 -19.21
CA GLY A 41 -12.46 -10.83 -18.16
C GLY A 41 -11.58 -11.79 -17.39
N LEU A 42 -10.77 -12.58 -18.12
CA LEU A 42 -9.85 -13.50 -17.46
C LEU A 42 -8.87 -12.75 -16.57
N VAL A 43 -8.29 -11.66 -17.09
CA VAL A 43 -7.30 -10.91 -16.32
C VAL A 43 -7.95 -10.33 -15.06
N GLY A 44 -9.16 -9.79 -15.18
CA GLY A 44 -9.82 -9.23 -14.02
C GLY A 44 -10.15 -10.28 -12.98
N THR A 45 -10.68 -11.42 -13.42
CA THR A 45 -10.96 -12.50 -12.49
C THR A 45 -9.69 -12.96 -11.78
N LEU A 46 -8.59 -13.07 -12.53
CA LEU A 46 -7.32 -13.46 -11.93
C LEU A 46 -6.88 -12.45 -10.88
N PHE A 47 -6.96 -11.16 -11.21
CA PHE A 47 -6.54 -10.13 -10.26
C PHE A 47 -7.39 -10.19 -8.99
N LEU A 48 -8.71 -10.33 -9.13
CA LEU A 48 -9.59 -10.38 -7.98
C LEU A 48 -9.28 -11.59 -7.10
N VAL A 49 -9.22 -12.78 -7.72
CA VAL A 49 -8.95 -13.99 -6.97
C VAL A 49 -7.60 -13.91 -6.28
N ALA A 50 -6.60 -13.32 -6.96
CA ALA A 50 -5.27 -13.24 -6.38
C ALA A 50 -5.24 -12.27 -5.20
N ARG A 51 -5.98 -11.16 -5.29
CA ARG A 51 -6.04 -10.25 -4.17
C ARG A 51 -6.72 -10.91 -2.96
N ILE A 52 -7.79 -11.67 -3.21
CA ILE A 52 -8.41 -12.40 -2.10
C ILE A 52 -7.43 -13.39 -1.50
N TRP A 53 -6.71 -14.12 -2.35
CA TRP A 53 -5.75 -15.11 -1.86
C TRP A 53 -4.65 -14.45 -1.04
N CYS A 54 -4.17 -13.30 -1.48
CA CYS A 54 -3.13 -12.59 -0.72
C CYS A 54 -3.67 -12.09 0.61
N ALA A 55 -4.91 -11.59 0.61
CA ALA A 55 -5.52 -11.16 1.87
C ALA A 55 -5.62 -12.31 2.85
N ILE A 56 -5.97 -13.50 2.37
CA ILE A 56 -6.05 -14.66 3.26
C ILE A 56 -4.66 -15.11 3.69
N ASN A 57 -3.67 -14.95 2.81
CA ASN A 57 -2.32 -15.42 3.10
C ASN A 57 -1.59 -14.53 4.10
N ASP A 58 -1.95 -13.25 4.14
CA ASP A 58 -1.28 -12.27 4.98
C ASP A 58 -1.14 -12.71 6.44
N PRO A 59 -2.23 -13.02 7.13
CA PRO A 59 -2.09 -13.43 8.54
C PRO A 59 -1.28 -14.70 8.71
N ILE A 60 -1.33 -15.60 7.73
CA ILE A 60 -0.47 -16.77 7.77
C ILE A 60 1.00 -16.35 7.73
N MET A 61 1.31 -15.36 6.89
CA MET A 61 2.69 -14.86 6.84
C MET A 61 3.08 -14.19 8.15
N GLY A 62 2.13 -13.50 8.79
CA GLY A 62 2.41 -12.94 10.10
C GLY A 62 2.74 -14.02 11.12
N TRP A 63 1.95 -15.09 11.12
CA TRP A 63 2.25 -16.23 11.99
C TRP A 63 3.64 -16.78 11.70
N ILE A 64 3.99 -16.91 10.41
CA ILE A 64 5.30 -17.46 10.06
C ILE A 64 6.41 -16.57 10.59
N VAL A 65 6.31 -15.27 10.32
CA VAL A 65 7.37 -14.34 10.73
C VAL A 65 7.50 -14.33 12.25
N ASN A 66 6.38 -14.34 12.96
CA ASN A 66 6.43 -14.28 14.43
C ASN A 66 7.10 -15.52 15.01
N ALA A 67 6.80 -16.69 14.45
CA ALA A 67 7.34 -17.95 14.96
C ALA A 67 8.75 -18.24 14.45
N THR A 68 9.37 -17.30 13.74
CA THR A 68 10.70 -17.51 13.18
C THR A 68 11.78 -17.13 14.18
N ARG A 69 12.87 -17.88 14.18
CA ARG A 69 14.05 -17.55 14.98
C ARG A 69 15.29 -17.91 14.17
N SER A 70 16.16 -16.92 13.95
CA SER A 70 17.35 -17.10 13.15
C SER A 70 18.45 -16.18 13.69
N ARG A 71 19.55 -16.09 12.93
CA ARG A 71 20.66 -15.24 13.34
C ARG A 71 20.32 -13.77 13.14
N TRP A 72 19.77 -13.41 11.98
CA TRP A 72 19.48 -12.03 11.65
C TRP A 72 18.14 -11.56 12.22
N GLY A 73 17.59 -12.29 13.18
CA GLY A 73 16.27 -11.97 13.69
C GLY A 73 15.20 -12.76 12.97
N LYS A 74 13.96 -12.33 13.21
CA LYS A 74 12.79 -12.96 12.63
C LYS A 74 12.26 -12.22 11.41
N PHE A 75 12.86 -11.08 11.06
CA PHE A 75 12.41 -10.27 9.93
C PHE A 75 13.38 -10.31 8.76
N LYS A 76 14.67 -10.04 9.00
CA LYS A 76 15.61 -9.94 7.90
C LYS A 76 15.70 -11.19 7.04
N PRO A 77 15.70 -12.41 7.59
CA PRO A 77 15.73 -13.59 6.70
C PRO A 77 14.56 -13.63 5.74
N TRP A 78 13.35 -13.37 6.25
CA TRP A 78 12.17 -13.37 5.39
C TRP A 78 12.20 -12.20 4.41
N ILE A 79 12.77 -11.06 4.81
CA ILE A 79 12.93 -9.96 3.88
C ILE A 79 13.79 -10.39 2.70
N LEU A 80 14.93 -11.01 2.98
CA LEU A 80 15.83 -11.44 1.90
C LEU A 80 15.17 -12.49 1.02
N ILE A 81 14.57 -13.51 1.63
CA ILE A 81 13.91 -14.56 0.87
C ILE A 81 12.82 -13.97 -0.01
N GLY A 82 12.02 -13.07 0.54
CA GLY A 82 10.96 -12.45 -0.23
C GLY A 82 11.49 -11.66 -1.42
N THR A 83 12.51 -10.83 -1.18
CA THR A 83 13.05 -10.04 -2.28
C THR A 83 13.56 -10.95 -3.39
N LEU A 84 14.34 -11.97 -3.04
CA LEU A 84 14.93 -12.83 -4.07
C LEU A 84 13.84 -13.57 -4.85
N THR A 85 12.95 -14.27 -4.12
CA THR A 85 11.93 -15.07 -4.79
C THR A 85 10.98 -14.19 -5.58
N ASN A 86 10.67 -12.99 -5.09
CA ASN A 86 9.77 -12.10 -5.81
C ASN A 86 10.45 -11.54 -7.05
N SER A 87 11.76 -11.28 -7.00
CA SER A 87 12.47 -10.86 -8.20
C SER A 87 12.42 -11.96 -9.27
N LEU A 88 12.73 -13.19 -8.86
CA LEU A 88 12.64 -14.32 -9.80
C LEU A 88 11.25 -14.40 -10.40
N VAL A 89 10.21 -14.37 -9.55
CA VAL A 89 8.85 -14.57 -10.03
C VAL A 89 8.41 -13.37 -10.86
N LEU A 90 8.95 -12.18 -10.60
CA LEU A 90 8.65 -11.02 -11.44
C LEU A 90 9.18 -11.22 -12.84
N PHE A 91 10.46 -11.59 -12.95
CA PHE A 91 11.03 -11.86 -14.27
C PHE A 91 10.22 -12.93 -15.00
N LEU A 92 9.86 -14.00 -14.29
CA LEU A 92 9.04 -15.04 -14.93
C LEU A 92 7.68 -14.49 -15.34
N LEU A 93 7.09 -13.62 -14.52
CA LEU A 93 5.80 -13.04 -14.81
C LEU A 93 5.84 -12.29 -16.14
N PHE A 94 6.85 -11.44 -16.33
CA PHE A 94 6.93 -10.66 -17.56
C PHE A 94 7.58 -11.42 -18.70
N SER A 95 7.85 -12.72 -18.53
CA SER A 95 8.28 -13.59 -19.62
C SER A 95 7.13 -14.42 -20.18
N ALA A 96 5.88 -14.02 -19.90
CA ALA A 96 4.74 -14.80 -20.34
C ALA A 96 4.54 -14.76 -21.85
N HIS A 97 5.06 -13.72 -22.51
CA HIS A 97 4.85 -13.58 -23.95
C HIS A 97 5.51 -14.69 -24.76
N LEU A 98 6.29 -15.56 -24.12
CA LEU A 98 6.96 -16.64 -24.85
C LEU A 98 6.01 -17.77 -25.18
N PHE A 99 5.25 -18.24 -24.19
CA PHE A 99 4.38 -19.40 -24.36
C PHE A 99 3.13 -19.03 -25.15
N GLU A 100 2.29 -20.03 -25.40
CA GLU A 100 1.04 -19.83 -26.12
C GLU A 100 0.08 -20.95 -25.74
N GLY A 101 -1.22 -20.67 -25.86
CA GLY A 101 -2.23 -21.67 -25.59
C GLY A 101 -2.45 -21.89 -24.10
N THR A 102 -2.96 -23.07 -23.76
CA THR A 102 -3.17 -23.42 -22.36
C THR A 102 -1.87 -23.35 -21.58
N ALA A 103 -0.74 -23.64 -22.23
CA ALA A 103 0.56 -23.50 -21.56
C ALA A 103 0.78 -22.07 -21.10
N GLN A 104 0.41 -21.10 -21.93
CA GLN A 104 0.57 -19.69 -21.57
C GLN A 104 -0.33 -19.33 -20.39
N VAL A 105 -1.65 -19.52 -20.56
CA VAL A 105 -2.59 -19.17 -19.50
C VAL A 105 -2.11 -19.71 -18.16
N VAL A 106 -1.93 -21.03 -18.08
CA VAL A 106 -1.44 -21.65 -16.84
C VAL A 106 -0.23 -20.88 -16.31
N PHE A 107 0.80 -20.73 -17.16
CA PHE A 107 1.98 -19.95 -16.78
C PHE A 107 1.56 -18.63 -16.14
N VAL A 108 0.81 -17.82 -16.90
CA VAL A 108 0.38 -16.51 -16.40
C VAL A 108 -0.30 -16.65 -15.04
N CYS A 109 -1.14 -17.66 -14.88
CA CYS A 109 -1.86 -17.81 -13.61
C CYS A 109 -0.91 -18.17 -12.47
N VAL A 110 0.08 -19.01 -12.74
CA VAL A 110 1.01 -19.43 -11.69
C VAL A 110 1.85 -18.21 -11.30
N THR A 111 2.73 -17.78 -12.19
CA THR A 111 3.58 -16.63 -11.94
C THR A 111 2.86 -15.57 -11.12
N TYR A 112 1.79 -15.00 -11.68
CA TYR A 112 1.08 -13.92 -11.01
C TYR A 112 0.82 -14.26 -9.55
N ILE A 113 0.07 -15.33 -9.28
CA ILE A 113 -0.28 -15.60 -7.89
C ILE A 113 0.98 -15.77 -7.06
N LEU A 114 1.95 -16.52 -7.58
CA LEU A 114 3.23 -16.65 -6.89
C LEU A 114 3.78 -15.28 -6.55
N TRP A 115 3.90 -14.42 -7.57
CA TRP A 115 4.36 -13.05 -7.35
C TRP A 115 3.69 -12.47 -6.09
N GLY A 116 2.36 -12.44 -6.09
CA GLY A 116 1.64 -11.92 -4.96
C GLY A 116 2.17 -12.51 -3.67
N MET A 117 2.04 -13.83 -3.54
CA MET A 117 2.53 -14.50 -2.33
C MET A 117 3.94 -14.05 -2.02
N THR A 118 4.84 -14.13 -3.00
CA THR A 118 6.23 -13.80 -2.74
C THR A 118 6.35 -12.39 -2.16
N TYR A 119 5.67 -11.42 -2.77
CA TYR A 119 5.78 -10.05 -2.27
C TYR A 119 5.27 -9.96 -0.83
N THR A 120 4.19 -10.67 -0.53
CA THR A 120 3.71 -10.70 0.85
C THR A 120 4.82 -11.13 1.79
N ILE A 121 5.53 -12.20 1.44
CA ILE A 121 6.65 -12.67 2.26
C ILE A 121 7.61 -11.52 2.53
N MET A 122 7.88 -10.72 1.50
CA MET A 122 8.82 -9.60 1.63
C MET A 122 8.20 -8.43 2.36
N ASP A 123 6.89 -8.23 2.23
CA ASP A 123 6.28 -6.96 2.61
C ASP A 123 6.12 -6.84 4.12
N ILE A 124 5.53 -7.85 4.75
CA ILE A 124 5.18 -7.81 6.17
C ILE A 124 6.41 -7.48 7.01
N PRO A 125 7.48 -8.29 6.96
CA PRO A 125 8.62 -8.03 7.87
C PRO A 125 9.25 -6.67 7.65
N PHE A 126 9.39 -6.22 6.40
CA PHE A 126 10.02 -4.94 6.12
C PHE A 126 9.43 -3.85 7.00
N TRP A 127 8.15 -3.55 6.82
CA TRP A 127 7.50 -2.51 7.61
C TRP A 127 7.54 -2.83 9.09
N SER A 128 7.55 -4.12 9.46
CA SER A 128 7.61 -4.49 10.86
C SER A 128 8.89 -4.02 11.53
N LEU A 129 9.91 -3.65 10.73
CA LEU A 129 11.12 -3.09 11.30
C LEU A 129 10.88 -1.73 11.95
N VAL A 130 9.84 -1.01 11.54
CA VAL A 130 9.58 0.34 12.03
C VAL A 130 9.44 0.32 13.54
N PRO A 131 8.46 -0.41 14.10
CA PRO A 131 8.26 -0.36 15.57
C PRO A 131 9.44 -0.89 16.36
N THR A 132 10.45 -1.48 15.72
CA THR A 132 11.62 -2.00 16.42
C THR A 132 12.79 -1.04 16.39
N ILE A 133 12.60 0.17 15.88
CA ILE A 133 13.68 1.13 15.68
C ILE A 133 13.59 2.30 16.66
N THR A 134 12.39 2.79 16.95
CA THR A 134 12.23 4.03 17.70
C THR A 134 11.49 3.83 19.00
N LEU A 135 10.18 3.56 18.97
CA LEU A 135 9.30 3.46 20.12
C LEU A 135 8.80 4.82 20.57
N ASP A 136 9.28 5.91 19.99
CA ASP A 136 8.95 7.27 20.41
C ASP A 136 8.08 7.95 19.36
N LYS A 137 7.28 8.92 19.82
CA LYS A 137 6.29 9.56 18.95
C LYS A 137 6.97 10.41 17.88
N ARG A 138 7.73 11.42 18.31
CA ARG A 138 8.37 12.32 17.35
C ARG A 138 9.36 11.58 16.47
N GLU A 139 10.05 10.58 17.04
CA GLU A 139 11.01 9.81 16.26
C GLU A 139 10.33 9.05 15.12
N ARG A 140 9.19 8.42 15.40
CA ARG A 140 8.44 7.76 14.33
C ARG A 140 7.93 8.77 13.31
N GLU A 141 7.42 9.91 13.80
CA GLU A 141 6.90 10.94 12.92
C GLU A 141 7.96 11.41 11.92
N GLN A 142 9.21 11.52 12.36
CA GLN A 142 10.28 11.96 11.48
C GLN A 142 11.08 10.80 10.88
N LEU A 143 10.71 9.55 11.20
CA LEU A 143 11.30 8.38 10.58
C LEU A 143 10.54 7.97 9.32
N VAL A 144 9.25 7.69 9.46
CA VAL A 144 8.53 7.01 8.37
C VAL A 144 8.38 7.89 7.12
N PRO A 145 8.44 9.22 7.22
CA PRO A 145 8.38 10.02 5.99
C PRO A 145 9.46 9.66 4.99
N PHE A 146 10.64 9.27 5.45
CA PHE A 146 11.70 8.84 4.53
C PHE A 146 11.24 7.69 3.65
N PRO A 147 10.88 6.51 4.20
CA PRO A 147 10.44 5.41 3.35
C PRO A 147 9.20 5.74 2.54
N ARG A 148 8.25 6.51 3.09
CA ARG A 148 7.05 6.81 2.31
C ARG A 148 7.38 7.70 1.11
N PHE A 149 8.22 8.72 1.32
CA PHE A 149 8.69 9.55 0.22
C PHE A 149 9.38 8.70 -0.83
N PHE A 150 10.23 7.76 -0.41
CA PHE A 150 10.98 6.99 -1.40
C PHE A 150 10.07 6.02 -2.15
N ALA A 151 9.08 5.44 -1.48
CA ALA A 151 8.10 4.61 -2.17
C ALA A 151 7.35 5.41 -3.23
N SER A 152 6.86 6.61 -2.86
CA SER A 152 6.15 7.43 -3.81
C SER A 152 7.04 7.81 -4.99
N LEU A 153 8.29 8.19 -4.70
CA LEU A 153 9.21 8.56 -5.76
C LEU A 153 9.46 7.38 -6.70
N ALA A 154 9.56 6.17 -6.15
CA ALA A 154 9.71 4.99 -6.99
C ALA A 154 8.51 4.83 -7.91
N GLY A 155 7.30 4.92 -7.35
CA GLY A 155 6.11 4.81 -8.17
C GLY A 155 6.08 5.84 -9.29
N PHE A 156 6.46 7.08 -8.99
CA PHE A 156 6.36 8.13 -9.99
C PHE A 156 7.45 8.02 -11.05
N VAL A 157 8.68 7.67 -10.66
CA VAL A 157 9.72 7.45 -11.67
C VAL A 157 9.34 6.27 -12.55
N THR A 158 8.69 5.25 -11.99
CA THR A 158 8.14 4.20 -12.81
C THR A 158 7.17 4.77 -13.84
N ALA A 159 6.08 5.37 -13.37
CA ALA A 159 5.08 5.95 -14.26
C ALA A 159 5.73 6.84 -15.33
N GLY A 160 6.88 7.44 -15.01
CA GLY A 160 7.54 8.32 -15.95
C GLY A 160 8.36 7.62 -17.02
N ILE A 161 9.30 6.77 -16.61
CA ILE A 161 10.30 6.25 -17.54
C ILE A 161 10.19 4.74 -17.73
N THR A 162 9.03 4.15 -17.42
CA THR A 162 8.87 2.72 -17.68
C THR A 162 8.57 2.42 -19.14
N LEU A 163 7.85 3.31 -19.82
CA LEU A 163 7.48 3.08 -21.22
C LEU A 163 8.63 3.45 -22.15
N PRO A 164 9.29 4.60 -21.96
CA PRO A 164 10.48 4.89 -22.80
C PRO A 164 11.52 3.79 -22.77
N PHE A 165 11.73 3.15 -21.62
CA PHE A 165 12.68 2.06 -21.53
C PHE A 165 12.25 0.88 -22.42
N VAL A 166 10.99 0.46 -22.28
CA VAL A 166 10.50 -0.66 -23.07
C VAL A 166 10.55 -0.35 -24.56
N SER A 167 10.39 0.93 -24.92
CA SER A 167 10.43 1.29 -26.33
C SER A 167 11.86 1.31 -26.87
N TYR A 168 12.79 1.90 -26.12
CA TYR A 168 14.18 1.97 -26.58
C TYR A 168 14.77 0.57 -26.72
N VAL A 169 14.72 -0.22 -25.64
CA VAL A 169 15.26 -1.58 -25.66
C VAL A 169 14.22 -2.50 -26.28
N GLY A 170 14.67 -3.34 -27.22
CA GLY A 170 13.78 -4.26 -27.90
C GLY A 170 13.09 -3.63 -29.09
N GLY A 171 12.12 -2.75 -28.85
CA GLY A 171 11.38 -2.11 -29.91
C GLY A 171 10.53 -3.09 -30.68
N ALA A 172 9.22 -2.83 -30.74
CA ALA A 172 8.27 -3.75 -31.34
C ALA A 172 8.06 -4.97 -30.44
N ASP A 173 9.15 -5.70 -30.16
CA ASP A 173 9.11 -6.79 -29.21
C ASP A 173 8.97 -6.24 -27.80
N ARG A 174 7.73 -6.02 -27.35
CA ARG A 174 7.52 -5.33 -26.08
C ARG A 174 7.81 -6.22 -24.87
N GLY A 175 7.56 -7.53 -24.99
CA GLY A 175 7.88 -8.41 -23.87
C GLY A 175 9.35 -8.41 -23.52
N PHE A 176 10.20 -8.32 -24.53
CA PHE A 176 11.64 -8.31 -24.28
C PHE A 176 12.06 -7.06 -23.51
N GLY A 177 11.62 -5.89 -23.97
CA GLY A 177 11.90 -4.67 -23.23
C GLY A 177 11.32 -4.72 -21.83
N PHE A 178 10.15 -5.33 -21.68
CA PHE A 178 9.55 -5.48 -20.35
C PHE A 178 10.46 -6.28 -19.43
N GLN A 179 10.97 -7.42 -19.89
CA GLN A 179 11.82 -8.23 -19.02
C GLN A 179 13.18 -7.57 -18.77
N MET A 180 13.67 -6.77 -19.72
CA MET A 180 14.92 -6.04 -19.47
C MET A 180 14.72 -4.98 -18.39
N PHE A 181 13.66 -4.17 -18.51
CA PHE A 181 13.34 -3.24 -17.44
C PHE A 181 13.11 -3.98 -16.13
N THR A 182 12.54 -5.18 -16.20
CA THR A 182 12.39 -6.00 -15.00
C THR A 182 13.74 -6.27 -14.37
N LEU A 183 14.75 -6.60 -15.19
CA LEU A 183 16.09 -6.81 -14.64
C LEU A 183 16.61 -5.55 -13.98
N VAL A 184 16.33 -4.38 -14.56
CA VAL A 184 16.70 -3.12 -13.91
C VAL A 184 16.07 -3.06 -12.51
N LEU A 185 14.77 -3.35 -12.44
CA LEU A 185 14.08 -3.35 -11.16
C LEU A 185 14.69 -4.34 -10.19
N ILE A 186 15.06 -5.52 -10.68
CA ILE A 186 15.67 -6.55 -9.84
C ILE A 186 16.96 -6.03 -9.23
N ALA A 187 17.79 -5.38 -10.06
CA ALA A 187 19.04 -4.82 -9.57
C ALA A 187 18.78 -3.83 -8.45
N PHE A 188 17.92 -2.84 -8.70
CA PHE A 188 17.65 -1.84 -7.68
C PHE A 188 17.07 -2.47 -6.41
N PHE A 189 16.16 -3.44 -6.58
CA PHE A 189 15.51 -4.07 -5.45
C PHE A 189 16.52 -4.80 -4.57
N ILE A 190 17.40 -5.58 -5.18
CA ILE A 190 18.37 -6.34 -4.40
C ILE A 190 19.37 -5.40 -3.73
N ALA A 191 19.79 -4.35 -4.43
CA ALA A 191 20.69 -3.38 -3.81
C ALA A 191 20.03 -2.77 -2.57
N SER A 192 18.77 -2.35 -2.70
CA SER A 192 18.06 -1.76 -1.57
C SER A 192 17.90 -2.75 -0.43
N THR A 193 17.63 -4.01 -0.76
CA THR A 193 17.47 -5.03 0.29
C THR A 193 18.76 -5.23 1.06
N ILE A 194 19.88 -5.34 0.35
CA ILE A 194 21.17 -5.47 1.01
C ILE A 194 21.43 -4.26 1.91
N VAL A 195 21.13 -3.06 1.40
CA VAL A 195 21.36 -1.84 2.17
C VAL A 195 20.57 -1.89 3.47
N THR A 196 19.26 -2.16 3.37
CA THR A 196 18.42 -2.14 4.57
C THR A 196 18.82 -3.25 5.54
N LEU A 197 19.21 -4.41 5.03
CA LEU A 197 19.61 -5.50 5.92
C LEU A 197 20.88 -5.15 6.68
N ARG A 198 21.84 -4.51 6.01
CA ARG A 198 23.10 -4.18 6.68
C ARG A 198 22.92 -3.04 7.67
N ASN A 199 22.24 -1.97 7.25
CA ASN A 199 22.25 -0.75 8.05
C ASN A 199 21.13 -0.66 9.07
N VAL A 200 19.90 -1.05 8.71
CA VAL A 200 18.79 -0.97 9.64
C VAL A 200 19.01 -1.98 10.75
N HIS A 201 19.24 -1.52 11.97
CA HIS A 201 19.49 -2.36 13.13
C HIS A 201 18.31 -2.25 14.07
N GLU A 202 17.53 -3.33 14.17
CA GLU A 202 16.34 -3.32 15.02
C GLU A 202 16.75 -3.18 16.49
N VAL A 203 16.10 -2.26 17.19
CA VAL A 203 16.44 -1.93 18.57
C VAL A 203 15.48 -2.64 19.52
N TYR A 204 14.25 -2.14 19.62
CA TYR A 204 13.24 -2.72 20.51
C TYR A 204 12.41 -3.73 19.71
N SER A 205 13.01 -4.90 19.48
CA SER A 205 12.42 -5.92 18.64
C SER A 205 12.14 -7.19 19.43
N SER A 206 11.06 -7.86 19.09
CA SER A 206 10.81 -9.20 19.62
C SER A 206 11.91 -10.14 19.17
N ASP A 207 12.37 -10.98 20.10
CA ASP A 207 13.59 -11.79 20.00
C ASP A 207 14.52 -11.34 21.13
N ASN A 208 14.45 -10.06 21.48
CA ASN A 208 15.21 -9.55 22.60
C ASN A 208 14.66 -10.11 23.91
N GLY A 209 15.56 -10.34 24.87
CA GLY A 209 15.15 -10.93 26.12
C GLY A 209 14.18 -10.08 26.93
N VAL A 210 14.13 -8.77 26.67
CA VAL A 210 13.35 -7.85 27.47
C VAL A 210 12.08 -7.39 26.78
N THR A 211 11.83 -7.82 25.54
CA THR A 211 10.78 -7.23 24.72
C THR A 211 9.45 -8.00 24.77
N ALA A 212 9.35 -9.04 25.59
CA ALA A 212 8.08 -9.73 25.82
C ALA A 212 7.54 -10.38 24.55
N GLY A 213 8.39 -11.19 23.91
CA GLY A 213 7.98 -11.94 22.75
C GLY A 213 7.45 -13.32 23.12
N ARG A 214 6.50 -13.80 22.32
CA ARG A 214 5.91 -15.13 22.49
C ARG A 214 5.94 -15.81 21.12
N PRO A 215 7.09 -16.40 20.75
CA PRO A 215 7.18 -16.97 19.40
C PRO A 215 6.30 -18.19 19.18
N HIS A 216 6.16 -19.04 20.20
CA HIS A 216 5.37 -20.28 20.07
C HIS A 216 3.90 -19.93 20.27
N LEU A 217 3.30 -19.40 19.22
CA LEU A 217 1.89 -19.04 19.20
C LEU A 217 1.16 -19.80 18.11
N THR A 218 -0.12 -20.05 18.34
CA THR A 218 -0.97 -20.71 17.36
C THR A 218 -1.57 -19.67 16.41
N LEU A 219 -1.98 -20.16 15.23
CA LEU A 219 -2.69 -19.28 14.30
C LEU A 219 -3.95 -18.72 14.95
N LYS A 220 -4.65 -19.54 15.73
CA LYS A 220 -5.85 -19.08 16.41
C LYS A 220 -5.54 -17.92 17.35
N THR A 221 -4.58 -18.11 18.26
CA THR A 221 -4.26 -17.07 19.23
C THR A 221 -3.70 -15.83 18.54
N ILE A 222 -2.87 -16.01 17.52
CA ILE A 222 -2.27 -14.86 16.86
C ILE A 222 -3.35 -14.04 16.15
N VAL A 223 -4.21 -14.69 15.37
CA VAL A 223 -5.27 -13.93 14.70
C VAL A 223 -6.24 -13.36 15.72
N GLY A 224 -6.35 -13.98 16.90
CA GLY A 224 -7.15 -13.41 17.96
C GLY A 224 -6.53 -12.16 18.55
N LEU A 225 -5.20 -12.05 18.49
CA LEU A 225 -4.55 -10.80 18.89
C LEU A 225 -5.09 -9.62 18.10
N ILE A 226 -5.65 -9.85 16.92
CA ILE A 226 -6.22 -8.76 16.13
C ILE A 226 -7.48 -8.23 16.80
N TYR A 227 -8.38 -9.14 17.18
CA TYR A 227 -9.64 -8.72 17.79
C TYR A 227 -9.44 -8.23 19.22
N LYS A 228 -8.63 -8.95 20.00
CA LYS A 228 -8.36 -8.54 21.37
C LYS A 228 -7.74 -7.15 21.41
N ASN A 229 -6.85 -6.86 20.46
CA ASN A 229 -6.28 -5.52 20.32
C ASN A 229 -7.32 -4.63 19.67
N ASP A 230 -8.21 -4.08 20.50
CA ASP A 230 -9.29 -3.23 19.99
C ASP A 230 -8.78 -2.11 19.11
N GLN A 231 -7.58 -1.59 19.40
CA GLN A 231 -7.05 -0.49 18.59
C GLN A 231 -6.55 -1.00 17.24
N LEU A 232 -5.98 -2.20 17.19
CA LEU A 232 -5.62 -2.78 15.90
C LEU A 232 -6.86 -3.07 15.06
N SER A 233 -7.97 -3.44 15.71
CA SER A 233 -9.23 -3.61 14.98
C SER A 233 -9.71 -2.27 14.43
N CYS A 234 -9.61 -1.21 15.22
CA CYS A 234 -9.94 0.12 14.72
C CYS A 234 -9.09 0.48 13.51
N LEU A 235 -7.79 0.19 13.57
CA LEU A 235 -6.92 0.43 12.42
C LEU A 235 -7.38 -0.38 11.21
N LEU A 236 -7.70 -1.65 11.43
CA LEU A 236 -8.22 -2.49 10.35
C LEU A 236 -9.38 -1.81 9.65
N GLY A 237 -10.40 -1.42 10.43
CA GLY A 237 -11.57 -0.79 9.83
C GLY A 237 -11.24 0.50 9.11
N MET A 238 -10.46 1.38 9.76
CA MET A 238 -10.12 2.66 9.16
C MET A 238 -9.41 2.46 7.83
N ALA A 239 -8.35 1.64 7.82
CA ALA A 239 -7.58 1.45 6.62
C ALA A 239 -8.39 0.75 5.53
N LEU A 240 -9.28 -0.18 5.91
CA LEU A 240 -10.10 -0.83 4.90
C LEU A 240 -11.01 0.18 4.22
N ALA A 241 -11.69 1.01 5.00
CA ALA A 241 -12.58 2.00 4.40
C ALA A 241 -11.79 2.99 3.54
N TYR A 242 -10.65 3.47 4.05
CA TYR A 242 -9.86 4.42 3.27
C TYR A 242 -9.36 3.79 1.98
N ASN A 243 -8.95 2.52 2.02
CA ASN A 243 -8.45 1.87 0.82
C ASN A 243 -9.56 1.64 -0.19
N ILE A 244 -10.75 1.24 0.28
CA ILE A 244 -11.87 1.10 -0.65
C ILE A 244 -12.16 2.42 -1.34
N ALA A 245 -12.20 3.52 -0.56
CA ALA A 245 -12.47 4.81 -1.15
C ALA A 245 -11.41 5.21 -2.16
N SER A 246 -10.13 5.08 -1.78
CA SER A 246 -9.05 5.49 -2.67
C SER A 246 -8.98 4.61 -3.91
N ASN A 247 -9.32 3.32 -3.78
CA ASN A 247 -9.35 2.45 -4.94
C ASN A 247 -10.48 2.82 -5.90
N ILE A 248 -11.65 3.15 -5.35
CA ILE A 248 -12.75 3.59 -6.22
C ILE A 248 -12.36 4.87 -6.95
N ILE A 249 -11.74 5.81 -6.24
CA ILE A 249 -11.34 7.07 -6.88
C ILE A 249 -10.28 6.82 -7.94
N ASN A 250 -9.32 5.94 -7.66
CA ASN A 250 -8.27 5.66 -8.64
C ASN A 250 -8.83 4.94 -9.87
N GLY A 251 -9.79 4.04 -9.67
CA GLY A 251 -10.44 3.41 -10.80
C GLY A 251 -11.21 4.41 -11.65
N PHE A 252 -11.90 5.34 -11.00
CA PHE A 252 -12.58 6.41 -11.74
C PHE A 252 -11.58 7.22 -12.55
N ALA A 253 -10.45 7.58 -11.93
CA ALA A 253 -9.43 8.34 -12.66
C ALA A 253 -8.90 7.55 -13.85
N ILE A 254 -8.64 6.25 -13.66
CA ILE A 254 -8.15 5.42 -14.75
C ILE A 254 -9.15 5.39 -15.89
N TYR A 255 -10.43 5.19 -15.55
CA TYR A 255 -11.46 5.12 -16.59
C TYR A 255 -11.56 6.43 -17.35
N TYR A 256 -11.54 7.57 -16.65
CA TYR A 256 -11.73 8.85 -17.32
C TYR A 256 -10.47 9.39 -17.97
N PHE A 257 -9.30 8.81 -17.68
CA PHE A 257 -8.07 9.21 -18.37
C PHE A 257 -7.70 8.28 -19.51
N THR A 258 -8.16 7.03 -19.48
CA THR A 258 -7.79 6.05 -20.50
C THR A 258 -8.80 5.97 -21.62
N TYR A 259 -10.10 6.05 -21.31
CA TYR A 259 -11.16 5.83 -22.28
C TYR A 259 -11.90 7.10 -22.68
N VAL A 260 -12.19 7.99 -21.74
CA VAL A 260 -13.12 9.08 -21.97
C VAL A 260 -12.43 10.28 -22.62
N ILE A 261 -11.51 10.91 -21.89
CA ILE A 261 -11.00 12.21 -22.31
C ILE A 261 -10.40 12.14 -23.70
N GLY A 262 -9.53 11.17 -23.95
CA GLY A 262 -8.83 11.06 -25.21
C GLY A 262 -7.79 12.13 -25.45
N ASP A 263 -7.72 13.15 -24.62
CA ASP A 263 -6.73 14.22 -24.76
C ASP A 263 -5.47 13.80 -24.01
N ALA A 264 -4.54 13.19 -24.75
CA ALA A 264 -3.31 12.68 -24.15
C ALA A 264 -2.40 13.79 -23.63
N ASP A 265 -2.75 15.06 -23.86
CA ASP A 265 -1.95 16.17 -23.38
C ASP A 265 -2.12 16.44 -21.89
N LEU A 266 -3.12 15.83 -21.24
CA LEU A 266 -3.45 16.16 -19.87
C LEU A 266 -2.76 15.25 -18.86
N PHE A 267 -2.85 13.94 -19.04
CA PHE A 267 -2.34 13.01 -18.04
C PHE A 267 -0.91 13.29 -17.61
N PRO A 268 0.01 13.69 -18.50
CA PRO A 268 1.35 14.08 -18.02
C PRO A 268 1.30 15.16 -16.95
N TYR A 269 0.54 16.24 -17.19
CA TYR A 269 0.46 17.31 -16.21
C TYR A 269 -0.20 16.84 -14.92
N TYR A 270 -1.27 16.06 -15.04
CA TYR A 270 -1.94 15.53 -13.85
C TYR A 270 -0.96 14.72 -13.00
N LEU A 271 -0.24 13.79 -13.63
CA LEU A 271 0.73 12.97 -12.92
C LEU A 271 1.82 13.82 -12.30
N SER A 272 2.33 14.80 -13.06
CA SER A 272 3.40 15.65 -12.55
C SER A 272 2.96 16.40 -11.30
N TYR A 273 1.81 17.07 -11.37
CA TYR A 273 1.37 17.86 -10.23
C TYR A 273 0.98 16.98 -9.05
N ALA A 274 0.38 15.81 -9.32
CA ALA A 274 0.05 14.89 -8.24
C ALA A 274 1.31 14.42 -7.52
N GLY A 275 2.34 14.05 -8.28
CA GLY A 275 3.59 13.62 -7.67
C GLY A 275 4.27 14.76 -6.93
N ALA A 276 4.23 15.96 -7.48
CA ALA A 276 4.78 17.12 -6.78
C ALA A 276 4.10 17.29 -5.42
N ALA A 277 2.77 17.28 -5.42
CA ALA A 277 2.02 17.45 -4.17
C ALA A 277 2.36 16.35 -3.18
N ASN A 278 2.37 15.09 -3.66
CA ASN A 278 2.63 13.96 -2.77
C ASN A 278 4.02 14.06 -2.15
N LEU A 279 5.05 14.25 -2.98
CA LEU A 279 6.42 14.31 -2.47
C LEU A 279 6.62 15.54 -1.58
N LEU A 280 5.96 16.66 -1.89
CA LEU A 280 6.11 17.84 -1.04
C LEU A 280 5.46 17.62 0.32
N THR A 281 4.24 17.10 0.34
CA THR A 281 3.58 16.84 1.63
C THR A 281 4.33 15.79 2.43
N LEU A 282 5.04 14.88 1.75
CA LEU A 282 5.84 13.89 2.48
C LEU A 282 7.11 14.54 3.04
N ILE A 283 7.79 15.36 2.25
CA ILE A 283 8.96 16.06 2.73
C ILE A 283 8.63 16.89 3.96
N VAL A 284 7.47 17.54 3.94
CA VAL A 284 7.12 18.50 4.98
C VAL A 284 6.23 17.87 6.05
N PHE A 285 6.26 16.54 6.19
CA PHE A 285 5.44 15.91 7.22
C PHE A 285 6.06 16.06 8.60
N PRO A 286 7.38 15.92 8.76
CA PRO A 286 7.97 16.18 10.09
C PRO A 286 7.52 17.53 10.64
N ARG A 287 7.62 18.58 9.84
CA ARG A 287 6.88 19.80 10.12
C ARG A 287 5.39 19.55 9.91
N LEU A 288 4.56 20.34 10.60
CA LEU A 288 3.10 20.30 10.47
C LEU A 288 2.47 19.22 11.36
N VAL A 289 3.24 18.23 11.78
CA VAL A 289 2.74 17.36 12.85
C VAL A 289 2.86 18.07 14.19
N LYS A 290 3.88 18.91 14.34
CA LYS A 290 3.97 19.78 15.51
C LYS A 290 3.09 21.01 15.33
N MET A 291 3.06 21.57 14.12
CA MET A 291 2.21 22.72 13.86
C MET A 291 0.74 22.35 13.98
N LEU A 292 0.37 21.14 13.53
CA LEU A 292 -1.01 20.67 13.55
C LEU A 292 -1.03 19.28 14.15
N SER A 293 -2.08 19.01 14.93
CA SER A 293 -2.14 17.76 15.67
C SER A 293 -2.04 16.54 14.75
N ARG A 294 -1.70 15.41 15.36
CA ARG A 294 -1.76 14.13 14.66
C ARG A 294 -3.19 13.84 14.21
N ARG A 295 -4.16 14.06 15.09
CA ARG A 295 -5.56 13.91 14.73
C ARG A 295 -5.95 14.84 13.59
N ILE A 296 -5.50 16.09 13.65
CA ILE A 296 -5.83 17.06 12.60
C ILE A 296 -5.29 16.58 11.26
N LEU A 297 -4.09 16.01 11.27
CA LEU A 297 -3.50 15.56 10.00
C LEU A 297 -4.24 14.33 9.47
N TRP A 298 -4.70 13.45 10.35
CA TRP A 298 -5.54 12.34 9.87
C TRP A 298 -6.83 12.85 9.25
N ALA A 299 -7.51 13.76 9.95
CA ALA A 299 -8.74 14.34 9.43
C ALA A 299 -8.51 14.95 8.05
N GLY A 300 -7.43 15.74 7.92
CA GLY A 300 -7.12 16.31 6.62
C GLY A 300 -6.81 15.26 5.57
N ALA A 301 -6.11 14.20 5.99
CA ALA A 301 -5.78 13.11 5.07
C ALA A 301 -7.04 12.57 4.41
N SER A 302 -8.11 12.41 5.19
CA SER A 302 -9.36 11.93 4.60
C SER A 302 -10.21 13.04 3.99
N VAL A 303 -10.01 14.29 4.39
CA VAL A 303 -10.89 15.36 3.92
C VAL A 303 -10.45 15.91 2.58
N MET A 304 -9.14 16.01 2.35
CA MET A 304 -8.66 16.48 1.05
C MET A 304 -9.23 15.68 -0.10
N PRO A 305 -9.18 14.35 -0.11
CA PRO A 305 -9.84 13.60 -1.20
C PRO A 305 -11.35 13.79 -1.22
N VAL A 306 -11.98 14.10 -0.10
CA VAL A 306 -13.40 14.44 -0.13
C VAL A 306 -13.61 15.73 -0.90
N LEU A 307 -12.72 16.70 -0.73
CA LEU A 307 -12.77 17.90 -1.54
C LEU A 307 -12.57 17.59 -3.02
N SER A 308 -11.63 16.69 -3.33
CA SER A 308 -11.45 16.25 -4.71
C SER A 308 -12.74 15.65 -5.27
N CYS A 309 -13.38 14.78 -4.48
CA CYS A 309 -14.62 14.14 -4.91
C CYS A 309 -15.71 15.19 -5.16
N ALA A 310 -15.85 16.17 -4.26
CA ALA A 310 -16.83 17.21 -4.45
C ALA A 310 -16.55 18.04 -5.70
N GLY A 311 -15.27 18.33 -5.94
CA GLY A 311 -14.90 19.09 -7.13
C GLY A 311 -15.27 18.36 -8.40
N LEU A 312 -14.90 17.08 -8.49
CA LEU A 312 -15.25 16.33 -9.69
C LEU A 312 -16.75 16.03 -9.75
N PHE A 313 -17.46 16.05 -8.62
CA PHE A 313 -18.92 15.97 -8.65
C PHE A 313 -19.51 17.20 -9.31
N ALA A 314 -19.05 18.38 -8.91
CA ALA A 314 -19.46 19.60 -9.59
C ALA A 314 -19.10 19.55 -11.06
N MET A 315 -17.93 18.99 -11.38
CA MET A 315 -17.51 18.85 -12.76
C MET A 315 -18.49 17.99 -13.55
N ALA A 316 -18.94 16.88 -12.95
CA ALA A 316 -19.86 15.97 -13.64
C ALA A 316 -21.25 16.59 -13.77
N LEU A 317 -21.69 17.34 -12.76
CA LEU A 317 -22.98 18.02 -12.85
C LEU A 317 -23.05 18.88 -14.10
N ALA A 318 -21.94 19.50 -14.48
CA ALA A 318 -21.79 20.18 -15.76
C ALA A 318 -21.00 19.28 -16.70
N ASP A 319 -20.58 19.84 -17.83
CA ASP A 319 -19.75 19.11 -18.79
C ASP A 319 -18.46 19.87 -19.12
N ILE A 320 -18.08 20.83 -18.26
CA ILE A 320 -16.90 21.63 -18.55
C ILE A 320 -15.65 20.76 -18.63
N HIS A 321 -15.56 19.76 -17.76
CA HIS A 321 -14.39 18.86 -17.72
C HIS A 321 -13.10 19.67 -17.71
N ASN A 322 -13.06 20.68 -16.85
CA ASN A 322 -11.91 21.57 -16.79
C ASN A 322 -10.68 20.82 -16.29
N ALA A 323 -9.58 20.94 -17.04
CA ALA A 323 -8.35 20.28 -16.64
C ALA A 323 -7.79 20.86 -15.35
N ALA A 324 -8.00 22.15 -15.10
CA ALA A 324 -7.58 22.76 -13.84
C ALA A 324 -8.23 22.04 -12.66
N LEU A 325 -9.53 21.77 -12.76
CA LEU A 325 -10.22 21.04 -11.71
C LEU A 325 -9.65 19.64 -11.55
N ILE A 326 -9.29 19.00 -12.68
CA ILE A 326 -8.74 17.65 -12.61
C ILE A 326 -7.42 17.65 -11.84
N VAL A 327 -6.52 18.57 -12.20
CA VAL A 327 -5.23 18.61 -11.52
C VAL A 327 -5.38 19.02 -10.06
N ALA A 328 -6.35 19.89 -9.75
CA ALA A 328 -6.59 20.25 -8.36
C ALA A 328 -7.08 19.04 -7.56
N ALA A 329 -8.02 18.29 -8.12
CA ALA A 329 -8.48 17.07 -7.48
C ALA A 329 -7.33 16.10 -7.26
N GLY A 330 -6.46 15.95 -8.26
CA GLY A 330 -5.32 15.08 -8.10
C GLY A 330 -4.38 15.53 -7.00
N ILE A 331 -4.11 16.83 -6.94
CA ILE A 331 -3.22 17.36 -5.90
C ILE A 331 -3.80 17.07 -4.52
N PHE A 332 -5.10 17.36 -4.35
CA PHE A 332 -5.74 17.12 -3.05
C PHE A 332 -5.71 15.64 -2.69
N LEU A 333 -6.07 14.78 -3.64
CA LEU A 333 -6.06 13.34 -3.40
C LEU A 333 -4.67 12.86 -2.98
N ASN A 334 -3.63 13.37 -3.64
CA ASN A 334 -2.28 12.91 -3.34
C ASN A 334 -1.82 13.39 -1.97
N ILE A 335 -2.11 14.64 -1.63
CA ILE A 335 -1.83 15.12 -0.28
C ILE A 335 -2.49 14.20 0.74
N GLY A 336 -3.75 13.88 0.51
CA GLY A 336 -4.48 13.03 1.45
C GLY A 336 -3.85 11.66 1.59
N THR A 337 -3.50 11.04 0.46
CA THR A 337 -2.94 9.69 0.51
C THR A 337 -1.58 9.68 1.19
N ALA A 338 -0.76 10.71 0.95
CA ALA A 338 0.53 10.80 1.63
C ALA A 338 0.35 10.87 3.13
N LEU A 339 -0.46 11.83 3.59
CA LEU A 339 -0.74 11.94 5.02
C LEU A 339 -1.23 10.61 5.57
N PHE A 340 -2.17 9.98 4.86
CA PHE A 340 -2.76 8.74 5.34
C PHE A 340 -1.70 7.65 5.50
N TRP A 341 -0.86 7.45 4.50
CA TRP A 341 0.11 6.35 4.56
C TRP A 341 1.12 6.58 5.67
N VAL A 342 1.64 7.80 5.79
CA VAL A 342 2.59 8.08 6.86
C VAL A 342 1.97 7.80 8.23
N LEU A 343 0.82 8.42 8.49
CA LEU A 343 0.15 8.22 9.77
C LEU A 343 -0.22 6.76 9.98
N GLN A 344 -0.49 6.02 8.91
CA GLN A 344 -0.90 4.63 9.04
C GLN A 344 0.27 3.77 9.50
N VAL A 345 1.46 3.97 8.93
CA VAL A 345 2.63 3.22 9.41
C VAL A 345 2.91 3.57 10.87
N ILE A 346 2.91 4.88 11.18
CA ILE A 346 3.14 5.28 12.57
C ILE A 346 2.11 4.62 13.48
N MET A 347 0.86 4.49 13.00
CA MET A 347 -0.21 3.96 13.83
C MET A 347 -0.09 2.46 14.00
N VAL A 348 0.39 1.74 12.98
CA VAL A 348 0.66 0.32 13.14
C VAL A 348 1.70 0.11 14.23
N ALA A 349 2.75 0.94 14.23
CA ALA A 349 3.73 0.86 15.31
C ALA A 349 3.09 1.15 16.66
N ASP A 350 2.31 2.23 16.74
CA ASP A 350 1.63 2.56 17.98
C ASP A 350 0.73 1.42 18.45
N THR A 351 0.13 0.68 17.51
CA THR A 351 -0.79 -0.38 17.87
C THR A 351 -0.05 -1.62 18.36
N VAL A 352 1.11 -1.94 17.80
CA VAL A 352 1.88 -3.04 18.37
C VAL A 352 2.31 -2.68 19.78
N ASP A 353 2.64 -1.41 20.02
CA ASP A 353 3.01 -0.98 21.36
C ASP A 353 1.82 -1.10 22.31
N TYR A 354 0.65 -0.63 21.89
CA TYR A 354 -0.54 -0.73 22.71
C TYR A 354 -0.93 -2.18 22.94
N GLY A 355 -0.61 -3.07 22.00
CA GLY A 355 -0.85 -4.48 22.22
C GLY A 355 0.04 -5.05 23.30
N GLU A 356 1.32 -4.68 23.27
CA GLU A 356 2.20 -5.08 24.37
C GLU A 356 1.72 -4.51 25.70
N PHE A 357 1.06 -3.35 25.67
CA PHE A 357 0.56 -2.75 26.91
C PHE A 357 -0.69 -3.47 27.42
N LYS A 358 -1.80 -3.38 26.66
CA LYS A 358 -3.05 -4.00 27.08
C LYS A 358 -2.86 -5.48 27.35
N LEU A 359 -2.41 -6.22 26.33
CA LEU A 359 -1.97 -7.59 26.52
C LEU A 359 -0.53 -7.55 27.03
N ASN A 360 0.14 -8.70 27.06
CA ASN A 360 1.56 -8.78 27.40
C ASN A 360 2.32 -9.49 26.29
N ILE A 361 1.91 -9.24 25.05
CA ILE A 361 2.50 -9.88 23.88
C ILE A 361 2.92 -8.79 22.90
N ARG A 362 4.13 -8.89 22.37
CA ARG A 362 4.64 -7.98 21.36
C ARG A 362 4.66 -8.71 20.02
N CYS A 363 3.95 -8.16 19.03
CA CYS A 363 3.82 -8.82 17.73
C CYS A 363 3.66 -7.74 16.66
N GLU A 364 4.76 -7.44 15.96
CA GLU A 364 4.72 -6.46 14.88
C GLU A 364 4.26 -7.10 13.57
N SER A 365 4.70 -8.34 13.33
CA SER A 365 4.34 -9.03 12.10
C SER A 365 2.83 -9.06 11.90
N ILE A 366 2.07 -9.22 12.99
CA ILE A 366 0.63 -9.34 12.85
C ILE A 366 0.01 -7.99 12.48
N ALA A 367 0.47 -6.91 13.11
CA ALA A 367 -0.09 -5.60 12.79
C ALA A 367 0.20 -5.21 11.35
N TYR A 368 1.41 -5.48 10.86
CA TYR A 368 1.69 -5.15 9.47
C TYR A 368 1.11 -6.16 8.50
N SER A 369 0.84 -7.39 8.95
CA SER A 369 0.03 -8.31 8.17
C SER A 369 -1.37 -7.77 8.01
N VAL A 370 -1.92 -7.15 9.06
CA VAL A 370 -3.20 -6.47 8.95
C VAL A 370 -3.10 -5.35 7.93
N GLN A 371 -2.01 -4.58 7.98
CA GLN A 371 -1.81 -3.52 7.00
C GLN A 371 -1.91 -4.07 5.57
N THR A 372 -1.14 -5.12 5.27
CA THR A 372 -1.12 -5.65 3.90
C THR A 372 -2.45 -6.31 3.53
N MET A 373 -3.02 -7.07 4.45
CA MET A 373 -4.36 -7.63 4.25
C MET A 373 -5.33 -6.54 3.84
N VAL A 374 -5.27 -5.39 4.51
CA VAL A 374 -6.19 -4.31 4.19
C VAL A 374 -5.85 -3.70 2.84
N VAL A 375 -4.56 -3.60 2.52
CA VAL A 375 -4.17 -3.07 1.22
C VAL A 375 -4.80 -3.90 0.10
N LYS A 376 -4.80 -5.23 0.25
CA LYS A 376 -5.35 -6.08 -0.80
C LYS A 376 -6.88 -6.10 -0.76
N GLY A 377 -7.45 -6.31 0.43
CA GLY A 377 -8.89 -6.29 0.59
C GLY A 377 -9.52 -4.99 0.18
N GLY A 378 -8.76 -3.89 0.16
CA GLY A 378 -9.32 -2.64 -0.31
C GLY A 378 -9.70 -2.72 -1.78
N SER A 379 -8.76 -3.13 -2.63
CA SER A 379 -9.09 -3.32 -4.04
C SER A 379 -10.17 -4.39 -4.20
N ALA A 380 -10.07 -5.49 -3.44
CA ALA A 380 -11.09 -6.53 -3.54
C ALA A 380 -12.48 -5.98 -3.27
N PHE A 381 -12.66 -5.30 -2.12
CA PHE A 381 -13.97 -4.80 -1.73
C PHE A 381 -14.41 -3.65 -2.62
N ALA A 382 -13.48 -2.85 -3.16
CA ALA A 382 -13.87 -1.80 -4.09
C ALA A 382 -14.45 -2.39 -5.35
N ALA A 383 -13.79 -3.42 -5.91
CA ALA A 383 -14.36 -4.12 -7.05
C ALA A 383 -15.71 -4.72 -6.69
N PHE A 384 -15.82 -5.31 -5.50
CA PHE A 384 -17.09 -5.90 -5.08
C PHE A 384 -18.20 -4.86 -5.03
N PHE A 385 -17.92 -3.69 -4.45
CA PHE A 385 -18.94 -2.66 -4.32
C PHE A 385 -19.29 -2.06 -5.67
N ILE A 386 -18.31 -1.94 -6.56
CA ILE A 386 -18.60 -1.41 -7.89
C ILE A 386 -19.48 -2.39 -8.67
N ALA A 387 -19.16 -3.68 -8.60
CA ALA A 387 -20.01 -4.68 -9.25
C ALA A 387 -21.39 -4.69 -8.62
N LEU A 388 -21.48 -4.50 -7.31
CA LEU A 388 -22.77 -4.42 -6.64
C LEU A 388 -23.59 -3.26 -7.18
N VAL A 389 -22.98 -2.08 -7.25
CA VAL A 389 -23.70 -0.90 -7.75
C VAL A 389 -24.11 -1.10 -9.20
N LEU A 390 -23.25 -1.72 -9.99
CA LEU A 390 -23.57 -1.98 -11.40
C LEU A 390 -24.78 -2.90 -11.50
N GLY A 391 -24.76 -4.02 -10.78
CA GLY A 391 -25.90 -4.91 -10.80
C GLY A 391 -27.17 -4.26 -10.29
N LEU A 392 -27.04 -3.37 -9.31
CA LEU A 392 -28.21 -2.69 -8.76
C LEU A 392 -28.80 -1.72 -9.77
N ILE A 393 -27.96 -0.92 -10.44
CA ILE A 393 -28.44 0.00 -11.46
C ILE A 393 -28.73 -0.69 -12.78
N GLY A 394 -28.47 -1.98 -12.88
CA GLY A 394 -28.74 -2.72 -14.11
C GLY A 394 -27.77 -2.39 -15.22
N TYR A 395 -26.47 -2.46 -14.92
CA TYR A 395 -25.42 -2.19 -15.91
C TYR A 395 -25.12 -3.48 -16.65
N THR A 396 -25.79 -3.67 -17.79
CA THR A 396 -25.46 -4.78 -18.66
C THR A 396 -24.01 -4.67 -19.11
N PRO A 397 -23.28 -5.78 -19.24
CA PRO A 397 -21.84 -5.69 -19.52
C PRO A 397 -21.53 -5.24 -20.94
N ASN A 398 -20.98 -4.02 -21.06
CA ASN A 398 -20.54 -3.47 -22.34
C ASN A 398 -21.60 -3.65 -23.42
N VAL A 399 -22.82 -3.20 -23.11
CA VAL A 399 -23.90 -3.11 -24.09
C VAL A 399 -24.50 -1.71 -23.96
N ALA A 400 -25.27 -1.33 -24.98
CA ALA A 400 -25.84 0.02 -25.04
C ALA A 400 -26.52 0.37 -23.73
N GLN A 401 -26.17 1.55 -23.19
CA GLN A 401 -26.68 1.99 -21.90
C GLN A 401 -27.21 3.41 -22.01
N SER A 402 -28.27 3.70 -21.25
CA SER A 402 -28.88 5.02 -21.29
C SER A 402 -27.88 6.09 -20.85
N ALA A 403 -28.14 7.32 -21.29
CA ALA A 403 -27.28 8.44 -20.91
C ALA A 403 -27.43 8.76 -19.43
N GLN A 404 -28.67 8.91 -18.96
CA GLN A 404 -28.88 9.18 -17.54
C GLN A 404 -28.36 8.04 -16.68
N THR A 405 -28.43 6.81 -17.17
CA THR A 405 -27.87 5.69 -16.40
C THR A 405 -26.37 5.85 -16.23
N LEU A 406 -25.66 6.24 -17.30
CA LEU A 406 -24.22 6.44 -17.19
C LEU A 406 -23.90 7.61 -16.26
N GLN A 407 -24.64 8.71 -16.37
CA GLN A 407 -24.39 9.87 -15.51
C GLN A 407 -24.67 9.52 -14.04
N GLY A 408 -25.71 8.75 -13.78
CA GLY A 408 -26.00 8.36 -12.41
C GLY A 408 -24.97 7.38 -11.87
N MET A 409 -24.49 6.47 -12.71
CA MET A 409 -23.40 5.60 -12.31
C MET A 409 -22.17 6.43 -11.93
N GLN A 410 -21.85 7.43 -12.75
CA GLN A 410 -20.72 8.30 -12.43
C GLN A 410 -20.94 9.04 -11.12
N PHE A 411 -22.15 9.56 -10.90
CA PHE A 411 -22.43 10.30 -9.67
C PHE A 411 -22.30 9.39 -8.45
N ILE A 412 -22.85 8.18 -8.51
CA ILE A 412 -22.78 7.28 -7.36
C ILE A 412 -21.34 6.83 -7.13
N MET A 413 -20.57 6.66 -8.21
CA MET A 413 -19.15 6.36 -8.08
C MET A 413 -18.43 7.48 -7.35
N ILE A 414 -18.81 8.73 -7.63
CA ILE A 414 -18.24 9.86 -6.91
C ILE A 414 -18.66 9.81 -5.44
N VAL A 415 -19.91 9.42 -5.18
CA VAL A 415 -20.47 9.55 -3.85
C VAL A 415 -19.85 8.53 -2.90
N LEU A 416 -19.94 7.24 -3.24
CA LEU A 416 -19.67 6.23 -2.22
C LEU A 416 -18.26 6.30 -1.61
N PRO A 417 -17.22 6.76 -2.31
CA PRO A 417 -15.94 7.00 -1.60
C PRO A 417 -16.07 8.03 -0.50
N VAL A 418 -16.94 9.03 -0.66
CA VAL A 418 -17.19 9.99 0.40
C VAL A 418 -17.78 9.27 1.61
N LEU A 419 -18.68 8.32 1.37
CA LEU A 419 -19.22 7.52 2.47
C LEU A 419 -18.12 6.75 3.19
N PHE A 420 -17.21 6.15 2.42
CA PHE A 420 -16.13 5.39 3.05
C PHE A 420 -15.20 6.30 3.84
N PHE A 421 -14.93 7.50 3.34
CA PHE A 421 -14.09 8.44 4.08
C PHE A 421 -14.79 8.90 5.37
N MET A 422 -16.07 9.21 5.29
CA MET A 422 -16.83 9.53 6.50
C MET A 422 -16.75 8.38 7.49
N MET A 423 -16.78 7.15 7.00
CA MET A 423 -16.64 5.99 7.88
C MET A 423 -15.28 5.98 8.56
N THR A 424 -14.21 6.18 7.79
CA THR A 424 -12.88 6.22 8.36
C THR A 424 -12.80 7.25 9.49
N LEU A 425 -13.34 8.45 9.24
CA LEU A 425 -13.20 9.53 10.21
C LEU A 425 -14.09 9.29 11.43
N VAL A 426 -15.30 8.78 11.22
CA VAL A 426 -16.16 8.43 12.35
C VAL A 426 -15.45 7.43 13.24
N LEU A 427 -14.92 6.35 12.64
CA LEU A 427 -14.23 5.33 13.42
C LEU A 427 -13.03 5.92 14.16
N TYR A 428 -12.22 6.72 13.47
CA TYR A 428 -11.06 7.33 14.09
C TYR A 428 -11.47 8.17 15.31
N PHE A 429 -12.31 9.18 15.08
CA PHE A 429 -12.63 10.12 16.14
C PHE A 429 -13.54 9.54 17.21
N ARG A 430 -14.10 8.34 17.01
CA ARG A 430 -14.93 7.74 18.05
C ARG A 430 -14.23 6.63 18.82
N TYR A 431 -13.26 5.92 18.24
CA TYR A 431 -12.67 4.77 18.90
C TYR A 431 -11.15 4.77 19.00
N TYR A 432 -10.45 5.62 18.27
CA TYR A 432 -8.98 5.64 18.32
C TYR A 432 -8.50 6.54 19.44
N ARG A 433 -7.40 6.15 20.09
CA ARG A 433 -6.95 6.82 21.30
C ARG A 433 -5.43 6.94 21.42
N LEU A 434 -4.68 6.65 20.35
CA LEU A 434 -3.22 6.65 20.41
C LEU A 434 -2.67 7.89 19.70
N ASN A 435 -2.80 9.04 20.36
CA ASN A 435 -2.30 10.28 19.77
C ASN A 435 -1.75 11.27 20.79
N GLY A 436 -1.93 11.01 22.08
CA GLY A 436 -1.53 11.99 23.08
C GLY A 436 -0.89 11.42 24.32
N ASP A 437 -1.37 11.83 25.50
CA ASP A 437 -0.85 11.30 26.74
C ASP A 437 -0.87 9.79 26.75
N MET A 438 -1.83 9.18 26.06
CA MET A 438 -1.89 7.72 25.99
C MET A 438 -0.62 7.16 25.35
N LEU A 439 -0.15 7.79 24.28
CA LEU A 439 1.06 7.31 23.61
C LEU A 439 2.24 7.35 24.56
N ARG A 440 2.40 8.46 25.30
CA ARG A 440 3.51 8.55 26.24
C ARG A 440 3.36 7.54 27.37
N LYS A 441 2.14 7.29 27.83
CA LYS A 441 1.92 6.29 28.86
C LYS A 441 2.40 4.92 28.38
N ILE A 442 2.01 4.54 27.16
CA ILE A 442 2.47 3.27 26.60
C ILE A 442 3.99 3.26 26.52
N GLN A 443 4.58 4.37 26.05
CA GLN A 443 6.03 4.43 25.89
C GLN A 443 6.74 4.22 27.22
N ILE A 444 6.35 4.98 28.25
CA ILE A 444 7.01 4.88 29.54
C ILE A 444 6.79 3.49 30.14
N HIS A 445 5.58 2.96 30.01
CA HIS A 445 5.30 1.62 30.52
C HIS A 445 6.27 0.61 29.91
N LEU A 446 6.36 0.59 28.58
CA LEU A 446 7.22 -0.38 27.91
C LEU A 446 8.69 -0.16 28.24
N LEU A 447 9.12 1.10 28.34
CA LEU A 447 10.52 1.38 28.61
C LEU A 447 10.90 0.93 30.01
N ASP A 448 10.07 1.26 31.00
CA ASP A 448 10.33 0.81 32.37
C ASP A 448 10.31 -0.72 32.44
N LYS A 449 9.37 -1.36 31.75
CA LYS A 449 9.32 -2.81 31.72
C LYS A 449 10.62 -3.38 31.17
N TYR A 450 11.05 -2.90 30.01
CA TYR A 450 12.31 -3.38 29.43
C TYR A 450 13.47 -3.15 30.40
N ARG A 451 13.49 -2.01 31.07
CA ARG A 451 14.56 -1.73 32.02
C ARG A 451 14.57 -2.74 33.16
N LYS A 452 13.40 -3.17 33.61
CA LYS A 452 13.34 -4.08 34.75
C LYS A 452 13.54 -5.54 34.36
N THR A 453 13.10 -5.93 33.17
CA THR A 453 13.22 -7.33 32.76
C THR A 453 14.68 -7.72 32.60
N PRO A 454 15.08 -8.91 33.04
CA PRO A 454 16.46 -9.36 32.81
C PRO A 454 16.71 -9.60 31.32
N PRO A 455 17.70 -8.93 30.72
CA PRO A 455 18.00 -9.19 29.31
C PRO A 455 18.56 -10.59 29.08
#